data_2MG3
#
_entry.id   2MG3
#
_entity_poly.entity_id   1
_entity_poly.type   'polypeptide(L)'
_entity_poly.pdbx_seq_one_letter_code
;KKKNWFDITNWLWYIKLFIMIVGGLVKK
;
_entity_poly.pdbx_strand_id   A
#
# COMPACT_ATOMS: atom_id res chain seq x y z
N LYS A 1 -10.15 15.76 8.51
CA LYS A 1 -9.18 15.17 7.53
C LYS A 1 -8.04 14.44 8.24
N LYS A 2 -7.06 15.15 8.82
CA LYS A 2 -5.86 14.59 9.49
C LYS A 2 -6.17 13.59 10.62
N LYS A 3 -7.28 13.75 11.34
CA LYS A 3 -7.73 12.78 12.37
C LYS A 3 -8.10 11.40 11.83
N ASN A 4 -8.56 11.31 10.58
CA ASN A 4 -8.87 10.06 9.89
C ASN A 4 -7.67 9.45 9.15
N TRP A 5 -6.49 10.09 9.18
CA TRP A 5 -5.28 9.63 8.48
C TRP A 5 -4.76 8.25 8.94
N PHE A 6 -5.13 7.83 10.16
CA PHE A 6 -4.82 6.51 10.72
C PHE A 6 -5.55 5.36 9.99
N ASP A 7 -6.58 5.64 9.19
CA ASP A 7 -7.28 4.64 8.37
C ASP A 7 -6.34 4.14 7.26
N ILE A 8 -5.65 3.03 7.52
CA ILE A 8 -4.67 2.42 6.59
C ILE A 8 -5.28 2.13 5.22
N THR A 9 -6.61 1.95 5.16
CA THR A 9 -7.44 1.76 3.97
C THR A 9 -7.30 2.88 2.93
N ASN A 10 -6.91 4.10 3.31
CA ASN A 10 -6.65 5.19 2.38
C ASN A 10 -5.40 4.93 1.50
N TRP A 11 -4.28 4.57 2.14
CA TRP A 11 -3.00 4.26 1.50
C TRP A 11 -2.75 2.76 1.23
N LEU A 12 -3.69 1.88 1.59
CA LEU A 12 -3.64 0.43 1.34
C LEU A 12 -3.46 0.09 -0.15
N TRP A 13 -3.93 0.96 -1.04
CA TRP A 13 -3.82 0.76 -2.48
C TRP A 13 -2.36 0.71 -2.94
N TYR A 14 -1.52 1.64 -2.46
CA TYR A 14 -0.08 1.64 -2.72
C TYR A 14 0.61 0.41 -2.14
N ILE A 15 0.10 -0.14 -1.03
CA ILE A 15 0.61 -1.37 -0.42
C ILE A 15 0.27 -2.60 -1.28
N LYS A 16 -0.98 -2.74 -1.75
CA LYS A 16 -1.40 -3.80 -2.66
C LYS A 16 -0.64 -3.70 -4.00
N LEU A 17 -0.55 -2.48 -4.56
CA LEU A 17 0.22 -2.18 -5.78
C LEU A 17 1.72 -2.43 -5.63
N PHE A 18 2.31 -2.31 -4.43
CA PHE A 18 3.73 -2.64 -4.22
C PHE A 18 4.08 -4.05 -4.72
N ILE A 19 3.21 -5.04 -4.54
CA ILE A 19 3.39 -6.40 -5.08
C ILE A 19 3.22 -6.45 -6.62
N MET A 20 2.36 -5.60 -7.18
CA MET A 20 2.10 -5.51 -8.63
C MET A 20 3.28 -4.90 -9.40
N ILE A 21 3.84 -3.78 -8.91
CA ILE A 21 5.00 -3.09 -9.53
C ILE A 21 6.27 -3.95 -9.49
N VAL A 22 6.55 -4.63 -8.37
CA VAL A 22 7.70 -5.54 -8.23
C VAL A 22 7.55 -6.83 -9.03
N GLY A 23 6.33 -7.37 -9.14
CA GLY A 23 6.00 -8.71 -9.66
C GLY A 23 6.86 -9.82 -9.03
N GLY A 24 7.98 -10.17 -9.67
CA GLY A 24 8.93 -11.17 -9.20
C GLY A 24 9.79 -10.73 -8.00
N LEU A 25 10.03 -9.42 -7.81
CA LEU A 25 10.88 -8.92 -6.71
C LEU A 25 10.14 -8.88 -5.35
N VAL A 26 8.87 -9.33 -5.27
CA VAL A 26 8.00 -9.32 -4.07
C VAL A 26 8.64 -9.95 -2.83
N LYS A 27 9.44 -11.01 -3.01
CA LYS A 27 10.19 -11.69 -1.94
C LYS A 27 11.31 -10.85 -1.32
N LYS A 28 11.82 -9.83 -2.03
CA LYS A 28 13.10 -9.12 -1.79
C LYS A 28 14.22 -10.06 -1.29
N LYS A 1 -9.26 17.03 8.36
CA LYS A 1 -9.63 15.62 8.68
C LYS A 1 -8.47 14.77 9.26
N LYS A 2 -7.67 15.30 10.21
CA LYS A 2 -6.49 14.60 10.80
C LYS A 2 -6.81 13.23 11.44
N LYS A 3 -8.03 13.06 11.97
CA LYS A 3 -8.54 11.79 12.54
C LYS A 3 -8.60 10.64 11.52
N ASN A 4 -8.72 10.94 10.23
CA ASN A 4 -8.70 9.95 9.13
C ASN A 4 -7.30 9.69 8.55
N TRP A 5 -6.24 10.33 9.07
CA TRP A 5 -4.86 10.06 8.63
C TRP A 5 -4.37 8.64 8.99
N PHE A 6 -4.82 8.12 10.15
CA PHE A 6 -4.53 6.76 10.63
C PHE A 6 -5.34 5.65 9.91
N ASP A 7 -6.35 5.99 9.11
CA ASP A 7 -7.11 5.02 8.31
C ASP A 7 -6.26 4.46 7.16
N ILE A 8 -5.55 3.36 7.42
CA ILE A 8 -4.60 2.73 6.48
C ILE A 8 -5.23 2.38 5.13
N THR A 9 -6.56 2.20 5.09
CA THR A 9 -7.34 1.93 3.87
C THR A 9 -7.18 3.00 2.77
N ASN A 10 -6.78 4.23 3.11
CA ASN A 10 -6.50 5.29 2.14
C ASN A 10 -5.26 4.93 1.28
N TRP A 11 -4.15 4.58 1.94
CA TRP A 11 -2.87 4.22 1.31
C TRP A 11 -2.65 2.71 1.08
N LEU A 12 -3.59 1.84 1.49
CA LEU A 12 -3.55 0.39 1.26
C LEU A 12 -3.41 0.03 -0.24
N TRP A 13 -3.88 0.90 -1.14
CA TRP A 13 -3.79 0.69 -2.58
C TRP A 13 -2.33 0.62 -3.06
N TYR A 14 -1.48 1.56 -2.61
CA TYR A 14 -0.05 1.56 -2.90
C TYR A 14 0.65 0.33 -2.29
N ILE A 15 0.15 -0.18 -1.15
CA ILE A 15 0.67 -1.40 -0.53
C ILE A 15 0.33 -2.63 -1.37
N LYS A 16 -0.91 -2.79 -1.83
CA LYS A 16 -1.29 -3.90 -2.73
C LYS A 16 -0.55 -3.80 -4.08
N LEU A 17 -0.47 -2.58 -4.65
CA LEU A 17 0.28 -2.30 -5.88
C LEU A 17 1.78 -2.56 -5.74
N PHE A 18 2.39 -2.41 -4.56
CA PHE A 18 3.81 -2.74 -4.35
C PHE A 18 4.13 -4.16 -4.85
N ILE A 19 3.27 -5.16 -4.57
CA ILE A 19 3.42 -6.53 -5.08
C ILE A 19 3.21 -6.61 -6.61
N MET A 20 2.32 -5.79 -7.17
CA MET A 20 2.04 -5.73 -8.62
C MET A 20 3.24 -5.16 -9.42
N ILE A 21 3.81 -4.03 -9.00
CA ILE A 21 4.95 -3.38 -9.67
C ILE A 21 6.24 -4.22 -9.59
N VAL A 22 6.51 -4.88 -8.46
CA VAL A 22 7.67 -5.79 -8.30
C VAL A 22 7.52 -7.10 -9.07
N GLY A 23 6.30 -7.64 -9.17
CA GLY A 23 5.98 -9.01 -9.60
C GLY A 23 6.87 -10.06 -8.93
N GLY A 24 7.96 -10.46 -9.61
CA GLY A 24 8.93 -11.43 -9.13
C GLY A 24 9.81 -10.96 -7.95
N LEU A 25 10.05 -9.65 -7.81
CA LEU A 25 10.90 -9.10 -6.72
C LEU A 25 10.18 -9.03 -5.36
N VAL A 26 8.92 -9.45 -5.25
CA VAL A 26 8.07 -9.42 -4.04
C VAL A 26 8.74 -10.02 -2.79
N LYS A 27 9.59 -11.02 -3.00
CA LYS A 27 10.36 -11.72 -1.95
C LYS A 27 11.40 -10.85 -1.24
N LYS A 28 11.82 -9.73 -1.86
CA LYS A 28 12.89 -8.81 -1.42
C LYS A 28 12.47 -7.33 -1.55
N LYS A 1 -9.71 16.97 12.22
CA LYS A 1 -10.14 15.64 11.65
C LYS A 1 -8.95 14.74 11.23
N LYS A 2 -7.75 14.90 11.81
CA LYS A 2 -6.48 14.24 11.37
C LYS A 2 -6.52 12.70 11.43
N LYS A 3 -7.37 12.13 12.30
CA LYS A 3 -7.64 10.69 12.43
C LYS A 3 -8.05 10.02 11.11
N ASN A 4 -8.72 10.77 10.21
CA ASN A 4 -9.08 10.28 8.87
C ASN A 4 -7.85 10.00 7.99
N TRP A 5 -6.79 10.81 8.08
CA TRP A 5 -5.53 10.58 7.36
C TRP A 5 -4.77 9.33 7.88
N PHE A 6 -5.00 8.95 9.14
CA PHE A 6 -4.47 7.74 9.77
C PHE A 6 -5.15 6.45 9.27
N ASP A 7 -6.29 6.52 8.57
CA ASP A 7 -6.95 5.36 7.96
C ASP A 7 -6.09 4.78 6.84
N ILE A 8 -5.39 3.66 7.13
CA ILE A 8 -4.46 3.02 6.20
C ILE A 8 -5.13 2.61 4.88
N THR A 9 -6.45 2.43 4.87
CA THR A 9 -7.27 2.11 3.71
C THR A 9 -7.17 3.12 2.57
N ASN A 10 -6.80 4.38 2.84
CA ASN A 10 -6.56 5.41 1.82
C ASN A 10 -5.36 5.04 0.93
N TRP A 11 -4.21 4.76 1.55
CA TRP A 11 -2.94 4.40 0.89
C TRP A 11 -2.69 2.89 0.74
N LEU A 12 -3.59 2.02 1.22
CA LEU A 12 -3.52 0.56 1.08
C LEU A 12 -3.40 0.11 -0.39
N TRP A 13 -3.92 0.90 -1.33
CA TRP A 13 -3.85 0.60 -2.75
C TRP A 13 -2.41 0.53 -3.26
N TYR A 14 -1.57 1.52 -2.89
CA TYR A 14 -0.14 1.52 -3.21
C TYR A 14 0.60 0.35 -2.55
N ILE A 15 0.14 -0.10 -1.37
CA ILE A 15 0.69 -1.28 -0.69
C ILE A 15 0.34 -2.57 -1.44
N LYS A 16 -0.91 -2.77 -1.85
CA LYS A 16 -1.30 -3.93 -2.68
C LYS A 16 -0.60 -3.90 -4.05
N LEU A 17 -0.54 -2.74 -4.70
CA LEU A 17 0.17 -2.53 -5.96
C LEU A 17 1.68 -2.74 -5.85
N PHE A 18 2.31 -2.49 -4.70
CA PHE A 18 3.74 -2.77 -4.51
C PHE A 18 4.09 -4.22 -4.91
N ILE A 19 3.27 -5.21 -4.56
CA ILE A 19 3.45 -6.60 -4.99
C ILE A 19 3.21 -6.80 -6.51
N MET A 20 2.30 -6.03 -7.10
CA MET A 20 1.99 -6.08 -8.55
C MET A 20 3.15 -5.54 -9.41
N ILE A 21 3.68 -4.37 -9.07
CA ILE A 21 4.79 -3.72 -9.82
C ILE A 21 6.10 -4.52 -9.72
N VAL A 22 6.42 -5.08 -8.56
CA VAL A 22 7.61 -5.96 -8.37
C VAL A 22 7.46 -7.32 -9.06
N GLY A 23 6.25 -7.89 -9.07
CA GLY A 23 5.94 -9.28 -9.44
C GLY A 23 6.84 -10.30 -8.73
N GLY A 24 7.94 -10.69 -9.38
CA GLY A 24 8.93 -11.64 -8.85
C GLY A 24 9.84 -11.07 -7.75
N LEU A 25 10.06 -9.74 -7.69
CA LEU A 25 10.94 -9.12 -6.68
C LEU A 25 10.27 -8.97 -5.30
N VAL A 26 9.00 -9.41 -5.14
CA VAL A 26 8.19 -9.31 -3.91
C VAL A 26 8.88 -9.82 -2.64
N LYS A 27 9.72 -10.85 -2.78
CA LYS A 27 10.53 -11.44 -1.70
C LYS A 27 11.48 -10.45 -1.00
N LYS A 28 11.94 -9.41 -1.73
CA LYS A 28 12.95 -8.40 -1.33
C LYS A 28 14.29 -8.98 -0.81
N LYS A 1 -8.49 17.12 8.22
CA LYS A 1 -8.94 15.69 8.35
C LYS A 1 -7.97 14.81 9.18
N LYS A 2 -7.16 15.36 10.09
CA LYS A 2 -6.00 14.68 10.73
C LYS A 2 -6.37 13.41 11.53
N LYS A 3 -7.56 13.43 12.16
CA LYS A 3 -8.14 12.31 12.92
C LYS A 3 -8.35 11.04 12.08
N ASN A 4 -8.64 11.21 10.78
CA ASN A 4 -8.91 10.14 9.82
C ASN A 4 -7.64 9.65 9.09
N TRP A 5 -6.48 10.26 9.33
CA TRP A 5 -5.20 9.91 8.68
C TRP A 5 -4.71 8.49 8.99
N PHE A 6 -5.11 7.94 10.15
CA PHE A 6 -4.84 6.57 10.59
C PHE A 6 -5.63 5.50 9.80
N ASP A 7 -6.59 5.89 8.95
CA ASP A 7 -7.34 4.97 8.09
C ASP A 7 -6.46 4.43 6.95
N ILE A 8 -5.74 3.32 7.24
CA ILE A 8 -4.79 2.69 6.31
C ILE A 8 -5.43 2.32 4.97
N THR A 9 -6.76 2.10 4.94
CA THR A 9 -7.55 1.80 3.73
C THR A 9 -7.40 2.85 2.61
N ASN A 10 -7.09 4.11 2.95
CA ASN A 10 -6.85 5.16 1.96
C ASN A 10 -5.59 4.88 1.11
N TRP A 11 -4.47 4.56 1.75
CA TRP A 11 -3.18 4.22 1.12
C TRP A 11 -2.92 2.71 0.92
N LEU A 12 -3.83 1.83 1.34
CA LEU A 12 -3.74 0.36 1.14
C LEU A 12 -3.57 -0.02 -0.34
N TRP A 13 -4.06 0.81 -1.26
CA TRP A 13 -3.94 0.56 -2.70
C TRP A 13 -2.48 0.53 -3.16
N TYR A 14 -1.67 1.49 -2.72
CA TYR A 14 -0.23 1.52 -3.00
C TYR A 14 0.50 0.33 -2.36
N ILE A 15 0.02 -0.18 -1.22
CA ILE A 15 0.56 -1.38 -0.57
C ILE A 15 0.26 -2.63 -1.39
N LYS A 16 -0.98 -2.82 -1.84
CA LYS A 16 -1.37 -3.93 -2.73
C LYS A 16 -0.64 -3.85 -4.07
N LEU A 17 -0.56 -2.65 -4.66
CA LEU A 17 0.18 -2.39 -5.89
C LEU A 17 1.70 -2.60 -5.75
N PHE A 18 2.30 -2.42 -4.56
CA PHE A 18 3.72 -2.70 -4.35
C PHE A 18 4.09 -4.12 -4.82
N ILE A 19 3.27 -5.13 -4.51
CA ILE A 19 3.45 -6.52 -4.99
C ILE A 19 3.25 -6.64 -6.52
N MET A 20 2.35 -5.85 -7.11
CA MET A 20 2.07 -5.84 -8.55
C MET A 20 3.24 -5.25 -9.36
N ILE A 21 3.78 -4.09 -8.96
CA ILE A 21 4.90 -3.43 -9.65
C ILE A 21 6.22 -4.21 -9.55
N VAL A 22 6.51 -4.85 -8.40
CA VAL A 22 7.69 -5.72 -8.22
C VAL A 22 7.58 -7.05 -8.97
N GLY A 23 6.37 -7.63 -9.04
CA GLY A 23 6.10 -9.01 -9.44
C GLY A 23 7.01 -10.04 -8.76
N GLY A 24 8.11 -10.39 -9.40
CA GLY A 24 9.13 -11.33 -8.88
C GLY A 24 9.97 -10.79 -7.72
N LEU A 25 10.16 -9.46 -7.61
CA LEU A 25 10.95 -8.84 -6.52
C LEU A 25 10.18 -8.71 -5.19
N VAL A 26 8.97 -9.28 -5.09
CA VAL A 26 8.12 -9.27 -3.89
C VAL A 26 8.82 -9.83 -2.64
N LYS A 27 9.62 -10.88 -2.81
CA LYS A 27 10.43 -11.52 -1.77
C LYS A 27 11.52 -10.59 -1.21
N LYS A 28 12.34 -10.04 -2.11
CA LYS A 28 13.52 -9.19 -1.82
C LYS A 28 13.91 -8.31 -3.01
N LYS A 1 -10.10 16.40 9.49
CA LYS A 1 -9.33 15.68 8.43
C LYS A 1 -8.16 14.84 8.98
N LYS A 2 -7.37 15.30 9.97
CA LYS A 2 -6.28 14.49 10.59
C LYS A 2 -6.76 13.19 11.26
N LYS A 3 -7.98 13.17 11.81
CA LYS A 3 -8.63 11.99 12.43
C LYS A 3 -8.73 10.78 11.48
N ASN A 4 -8.96 11.03 10.18
CA ASN A 4 -9.01 10.01 9.12
C ASN A 4 -7.66 9.79 8.41
N TRP A 5 -6.54 10.30 8.95
CA TRP A 5 -5.18 10.07 8.41
C TRP A 5 -4.60 8.70 8.82
N PHE A 6 -4.90 8.23 10.03
CA PHE A 6 -4.46 6.91 10.55
C PHE A 6 -5.16 5.72 9.85
N ASP A 7 -6.25 5.95 9.12
CA ASP A 7 -6.95 4.94 8.32
C ASP A 7 -6.03 4.41 7.19
N ILE A 8 -5.38 3.27 7.45
CA ILE A 8 -4.45 2.63 6.51
C ILE A 8 -5.12 2.31 5.17
N THR A 9 -6.45 2.12 5.17
CA THR A 9 -7.31 1.90 3.99
C THR A 9 -7.19 2.96 2.90
N ASN A 10 -6.76 4.19 3.23
CA ASN A 10 -6.51 5.24 2.23
C ASN A 10 -5.29 4.90 1.35
N TRP A 11 -4.15 4.62 1.97
CA TRP A 11 -2.88 4.30 1.30
C TRP A 11 -2.64 2.79 1.08
N LEU A 12 -3.55 1.92 1.51
CA LEU A 12 -3.52 0.47 1.29
C LEU A 12 -3.38 0.09 -0.19
N TRP A 13 -3.88 0.94 -1.09
CA TRP A 13 -3.79 0.71 -2.53
C TRP A 13 -2.34 0.65 -3.01
N TYR A 14 -1.50 1.60 -2.58
CA TYR A 14 -0.07 1.60 -2.87
C TYR A 14 0.63 0.37 -2.27
N ILE A 15 0.13 -0.14 -1.14
CA ILE A 15 0.65 -1.37 -0.50
C ILE A 15 0.33 -2.61 -1.35
N LYS A 16 -0.93 -2.78 -1.79
CA LYS A 16 -1.29 -3.89 -2.70
C LYS A 16 -0.62 -3.75 -4.07
N LEU A 17 -0.52 -2.54 -4.62
CA LEU A 17 0.18 -2.26 -5.87
C LEU A 17 1.70 -2.52 -5.74
N PHE A 18 2.32 -2.35 -4.57
CA PHE A 18 3.74 -2.67 -4.37
C PHE A 18 4.07 -4.10 -4.81
N ILE A 19 3.21 -5.08 -4.57
CA ILE A 19 3.40 -6.46 -5.04
C ILE A 19 3.22 -6.58 -6.59
N MET A 20 2.36 -5.75 -7.17
CA MET A 20 2.07 -5.74 -8.61
C MET A 20 3.23 -5.13 -9.43
N ILE A 21 3.77 -3.98 -9.01
CA ILE A 21 4.93 -3.31 -9.66
C ILE A 21 6.21 -4.17 -9.61
N VAL A 22 6.51 -4.80 -8.47
CA VAL A 22 7.67 -5.71 -8.31
C VAL A 22 7.51 -7.03 -9.07
N GLY A 23 6.29 -7.58 -9.14
CA GLY A 23 5.97 -8.93 -9.61
C GLY A 23 6.83 -10.02 -8.96
N GLY A 24 7.95 -10.38 -9.60
CA GLY A 24 8.91 -11.37 -9.10
C GLY A 24 9.79 -10.88 -7.94
N LEU A 25 10.02 -9.56 -7.80
CA LEU A 25 10.87 -9.00 -6.73
C LEU A 25 10.15 -8.91 -5.36
N VAL A 26 8.88 -9.34 -5.28
CA VAL A 26 8.03 -9.31 -4.06
C VAL A 26 8.69 -9.91 -2.82
N LYS A 27 9.48 -10.98 -3.01
CA LYS A 27 10.22 -11.69 -1.96
C LYS A 27 11.35 -10.86 -1.31
N LYS A 28 11.80 -9.78 -1.96
CA LYS A 28 12.98 -8.96 -1.64
C LYS A 28 14.21 -9.79 -1.21
N LYS A 1 -9.71 16.94 7.95
CA LYS A 1 -9.99 15.47 8.00
C LYS A 1 -8.86 14.62 8.65
N LYS A 2 -7.93 15.22 9.42
CA LYS A 2 -6.74 14.56 10.04
C LYS A 2 -7.05 13.35 10.92
N LYS A 3 -8.23 13.29 11.54
CA LYS A 3 -8.71 12.14 12.35
C LYS A 3 -8.72 10.82 11.55
N ASN A 4 -8.95 10.89 10.24
CA ASN A 4 -8.96 9.76 9.31
C ASN A 4 -7.59 9.48 8.65
N TRP A 5 -6.51 10.17 9.05
CA TRP A 5 -5.16 9.96 8.49
C TRP A 5 -4.52 8.62 8.93
N PHE A 6 -4.80 8.17 10.16
CA PHE A 6 -4.33 6.88 10.70
C PHE A 6 -5.02 5.66 10.05
N ASP A 7 -6.14 5.83 9.35
CA ASP A 7 -6.81 4.75 8.61
C ASP A 7 -5.93 4.25 7.45
N ILE A 8 -5.27 3.11 7.66
CA ILE A 8 -4.35 2.52 6.67
C ILE A 8 -5.02 2.26 5.32
N THR A 9 -6.35 2.14 5.28
CA THR A 9 -7.17 1.97 4.07
C THR A 9 -7.00 3.08 3.04
N ASN A 10 -6.56 4.29 3.41
CA ASN A 10 -6.25 5.37 2.48
C ASN A 10 -5.05 5.02 1.59
N TRP A 11 -3.93 4.62 2.22
CA TRP A 11 -2.67 4.26 1.55
C TRP A 11 -2.47 2.75 1.28
N LEU A 12 -3.42 1.88 1.68
CA LEU A 12 -3.40 0.43 1.38
C LEU A 12 -3.28 0.12 -0.11
N TRP A 13 -3.74 1.02 -0.98
CA TRP A 13 -3.66 0.84 -2.43
C TRP A 13 -2.21 0.75 -2.91
N TYR A 14 -1.34 1.66 -2.43
CA TYR A 14 0.10 1.63 -2.71
C TYR A 14 0.76 0.36 -2.13
N ILE A 15 0.24 -0.16 -1.02
CA ILE A 15 0.71 -1.43 -0.42
C ILE A 15 0.34 -2.62 -1.30
N LYS A 16 -0.91 -2.76 -1.74
CA LYS A 16 -1.30 -3.84 -2.68
C LYS A 16 -0.54 -3.70 -4.02
N LEU A 17 -0.44 -2.47 -4.55
CA LEU A 17 0.31 -2.18 -5.77
C LEU A 17 1.82 -2.45 -5.65
N PHE A 18 2.42 -2.34 -4.46
CA PHE A 18 3.83 -2.69 -4.27
C PHE A 18 4.14 -4.11 -4.77
N ILE A 19 3.24 -5.08 -4.58
CA ILE A 19 3.39 -6.45 -5.12
C ILE A 19 3.19 -6.49 -6.66
N MET A 20 2.33 -5.63 -7.20
CA MET A 20 2.05 -5.54 -8.64
C MET A 20 3.22 -4.94 -9.44
N ILE A 21 3.81 -3.83 -8.98
CA ILE A 21 4.97 -3.17 -9.61
C ILE A 21 6.23 -4.05 -9.60
N VAL A 22 6.51 -4.74 -8.50
CA VAL A 22 7.65 -5.67 -8.38
C VAL A 22 7.46 -6.96 -9.18
N GLY A 23 6.23 -7.47 -9.28
CA GLY A 23 5.88 -8.81 -9.78
C GLY A 23 6.74 -9.93 -9.15
N GLY A 24 7.84 -10.30 -9.82
CA GLY A 24 8.78 -11.32 -9.35
C GLY A 24 9.67 -10.89 -8.17
N LEU A 25 9.94 -9.59 -7.99
CA LEU A 25 10.81 -9.08 -6.90
C LEU A 25 10.09 -9.03 -5.53
N VAL A 26 8.81 -9.43 -5.46
CA VAL A 26 7.97 -9.45 -4.24
C VAL A 26 8.62 -10.15 -3.04
N LYS A 27 9.47 -11.14 -3.31
CA LYS A 27 10.21 -11.93 -2.32
C LYS A 27 11.16 -11.12 -1.42
N LYS A 28 11.57 -9.91 -1.85
CA LYS A 28 12.45 -8.95 -1.14
C LYS A 28 13.62 -9.63 -0.39
N LYS A 1 -9.39 15.63 7.76
CA LYS A 1 -8.02 15.26 7.31
C LYS A 1 -7.32 14.39 8.37
N LYS A 2 -6.63 14.98 9.37
CA LYS A 2 -5.85 14.26 10.41
C LYS A 2 -6.65 13.17 11.15
N LYS A 3 -7.93 13.44 11.43
CA LYS A 3 -8.93 12.54 12.06
C LYS A 3 -9.06 11.16 11.42
N ASN A 4 -8.83 11.06 10.09
CA ASN A 4 -8.90 9.82 9.31
C ASN A 4 -7.54 9.43 8.67
N TRP A 5 -6.44 10.07 9.08
CA TRP A 5 -5.09 9.76 8.59
C TRP A 5 -4.58 8.38 9.02
N PHE A 6 -4.95 7.93 10.23
CA PHE A 6 -4.61 6.60 10.78
C PHE A 6 -5.37 5.44 10.08
N ASP A 7 -6.40 5.71 9.29
CA ASP A 7 -7.12 4.70 8.51
C ASP A 7 -6.23 4.21 7.36
N ILE A 8 -5.51 3.11 7.59
CA ILE A 8 -4.56 2.53 6.63
C ILE A 8 -5.21 2.22 5.26
N THR A 9 -6.53 2.05 5.23
CA THR A 9 -7.37 1.87 4.03
C THR A 9 -7.21 2.96 2.98
N ASN A 10 -6.81 4.19 3.36
CA ASN A 10 -6.54 5.27 2.40
C ASN A 10 -5.32 4.92 1.51
N TRP A 11 -4.19 4.57 2.14
CA TRP A 11 -2.93 4.23 1.47
C TRP A 11 -2.69 2.72 1.22
N LEU A 12 -3.62 1.85 1.62
CA LEU A 12 -3.59 0.40 1.37
C LEU A 12 -3.45 0.06 -0.12
N TRP A 13 -3.93 0.93 -1.00
CA TRP A 13 -3.84 0.73 -2.45
C TRP A 13 -2.39 0.69 -2.93
N TYR A 14 -1.55 1.61 -2.47
CA TYR A 14 -0.11 1.62 -2.77
C TYR A 14 0.60 0.40 -2.18
N ILE A 15 0.12 -0.14 -1.05
CA ILE A 15 0.65 -1.36 -0.44
C ILE A 15 0.32 -2.59 -1.30
N LYS A 16 -0.94 -2.74 -1.73
CA LYS A 16 -1.36 -3.81 -2.64
C LYS A 16 -0.68 -3.69 -4.01
N LEU A 17 -0.56 -2.49 -4.55
CA LEU A 17 0.16 -2.20 -5.80
C LEU A 17 1.67 -2.45 -5.68
N PHE A 18 2.28 -2.31 -4.51
CA PHE A 18 3.71 -2.64 -4.31
C PHE A 18 4.04 -4.05 -4.81
N ILE A 19 3.18 -5.05 -4.58
CA ILE A 19 3.35 -6.42 -5.10
C ILE A 19 3.15 -6.47 -6.64
N MET A 20 2.27 -5.64 -7.20
CA MET A 20 1.98 -5.57 -8.64
C MET A 20 3.16 -4.97 -9.43
N ILE A 21 3.73 -3.84 -8.99
CA ILE A 21 4.87 -3.16 -9.63
C ILE A 21 6.15 -4.01 -9.59
N VAL A 22 6.43 -4.69 -8.47
CA VAL A 22 7.59 -5.59 -8.34
C VAL A 22 7.45 -6.90 -9.13
N GLY A 23 6.23 -7.44 -9.23
CA GLY A 23 5.91 -8.79 -9.69
C GLY A 23 6.80 -9.87 -9.04
N GLY A 24 7.91 -10.23 -9.71
CA GLY A 24 8.88 -11.21 -9.23
C GLY A 24 9.76 -10.75 -8.06
N LEU A 25 10.00 -9.44 -7.89
CA LEU A 25 10.86 -8.90 -6.81
C LEU A 25 10.17 -8.86 -5.43
N VAL A 26 8.91 -9.32 -5.33
CA VAL A 26 8.08 -9.34 -4.10
C VAL A 26 8.74 -10.00 -2.89
N LYS A 27 9.65 -10.96 -3.14
CA LYS A 27 10.46 -11.66 -2.13
C LYS A 27 11.36 -10.74 -1.27
N LYS A 28 11.65 -9.50 -1.71
CA LYS A 28 12.43 -8.46 -1.00
C LYS A 28 13.71 -9.01 -0.33
N LYS A 1 -10.06 16.11 8.44
CA LYS A 1 -9.14 15.24 7.65
C LYS A 1 -8.14 14.46 8.52
N LYS A 2 -7.36 15.13 9.39
CA LYS A 2 -6.33 14.55 10.29
C LYS A 2 -6.82 13.34 11.12
N LYS A 3 -8.09 13.33 11.54
CA LYS A 3 -8.77 12.22 12.25
C LYS A 3 -8.78 10.88 11.48
N ASN A 4 -8.69 10.94 10.15
CA ASN A 4 -8.67 9.81 9.22
C ASN A 4 -7.25 9.51 8.69
N TRP A 5 -6.20 10.11 9.24
CA TRP A 5 -4.81 9.87 8.82
C TRP A 5 -4.31 8.46 9.17
N PHE A 6 -4.71 7.93 10.34
CA PHE A 6 -4.41 6.57 10.79
C PHE A 6 -5.20 5.47 10.05
N ASP A 7 -6.20 5.82 9.25
CA ASP A 7 -6.98 4.88 8.43
C ASP A 7 -6.12 4.34 7.28
N ILE A 8 -5.43 3.22 7.52
CA ILE A 8 -4.48 2.60 6.58
C ILE A 8 -5.13 2.29 5.22
N THR A 9 -6.45 2.09 5.19
CA THR A 9 -7.26 1.89 3.98
C THR A 9 -7.10 2.98 2.91
N ASN A 10 -6.76 4.21 3.30
CA ASN A 10 -6.50 5.31 2.36
C ASN A 10 -5.25 5.04 1.48
N TRP A 11 -4.13 4.65 2.10
CA TRP A 11 -2.87 4.29 1.44
C TRP A 11 -2.65 2.78 1.18
N LEU A 12 -3.59 1.91 1.56
CA LEU A 12 -3.54 0.46 1.31
C LEU A 12 -3.38 0.10 -0.17
N TRP A 13 -3.86 0.97 -1.07
CA TRP A 13 -3.76 0.77 -2.51
C TRP A 13 -2.30 0.71 -2.99
N TYR A 14 -1.46 1.64 -2.54
CA TYR A 14 -0.02 1.63 -2.82
C TYR A 14 0.68 0.40 -2.23
N ILE A 15 0.18 -0.12 -1.10
CA ILE A 15 0.70 -1.35 -0.48
C ILE A 15 0.35 -2.58 -1.31
N LYS A 16 -0.89 -2.74 -1.78
CA LYS A 16 -1.28 -3.83 -2.67
C LYS A 16 -0.57 -3.72 -4.03
N LEU A 17 -0.48 -2.51 -4.59
CA LEU A 17 0.24 -2.22 -5.82
C LEU A 17 1.75 -2.48 -5.71
N PHE A 18 2.37 -2.34 -4.54
CA PHE A 18 3.80 -2.67 -4.35
C PHE A 18 4.11 -4.09 -4.87
N ILE A 19 3.28 -5.08 -4.59
CA ILE A 19 3.41 -6.46 -5.11
C ILE A 19 3.20 -6.52 -6.65
N MET A 20 2.31 -5.69 -7.20
CA MET A 20 2.02 -5.62 -8.63
C MET A 20 3.21 -5.05 -9.44
N ILE A 21 3.80 -3.93 -9.00
CA ILE A 21 4.94 -3.27 -9.66
C ILE A 21 6.23 -4.11 -9.60
N VAL A 22 6.50 -4.78 -8.47
CA VAL A 22 7.66 -5.69 -8.33
C VAL A 22 7.50 -6.99 -9.12
N GLY A 23 6.27 -7.52 -9.22
CA GLY A 23 5.94 -8.86 -9.72
C GLY A 23 6.80 -9.96 -9.09
N GLY A 24 7.90 -10.33 -9.75
CA GLY A 24 8.85 -11.34 -9.29
C GLY A 24 9.76 -10.90 -8.12
N LEU A 25 10.00 -9.59 -7.92
CA LEU A 25 10.87 -9.10 -6.83
C LEU A 25 10.17 -9.08 -5.45
N VAL A 26 8.90 -9.49 -5.35
CA VAL A 26 8.04 -9.46 -4.15
C VAL A 26 8.68 -10.08 -2.89
N LYS A 27 9.55 -11.07 -3.08
CA LYS A 27 10.35 -11.73 -2.03
C LYS A 27 11.20 -10.75 -1.19
N LYS A 28 11.73 -9.69 -1.81
CA LYS A 28 12.63 -8.69 -1.21
C LYS A 28 11.90 -7.76 -0.22
N LYS A 1 -7.16 17.49 12.43
CA LYS A 1 -8.13 16.98 11.41
C LYS A 1 -8.35 15.46 11.57
N LYS A 2 -9.15 15.04 12.57
CA LYS A 2 -9.37 13.61 12.93
C LYS A 2 -9.94 12.76 11.79
N LYS A 3 -10.74 13.37 10.91
CA LYS A 3 -11.31 12.77 9.68
C LYS A 3 -10.28 12.18 8.71
N ASN A 4 -9.04 12.66 8.77
CA ASN A 4 -7.91 12.22 7.92
C ASN A 4 -6.88 11.36 8.70
N TRP A 5 -7.10 11.09 9.99
CA TRP A 5 -6.21 10.29 10.83
C TRP A 5 -6.21 8.80 10.44
N PHE A 6 -7.36 8.28 10.00
CA PHE A 6 -7.54 6.91 9.50
C PHE A 6 -7.16 6.71 8.02
N ASP A 7 -6.40 7.63 7.41
CA ASP A 7 -5.92 7.52 6.02
C ASP A 7 -5.16 6.22 5.70
N ILE A 8 -4.69 5.48 6.72
CA ILE A 8 -4.01 4.18 6.62
C ILE A 8 -4.77 3.15 5.76
N THR A 9 -6.10 3.28 5.62
CA THR A 9 -6.92 2.43 4.74
C THR A 9 -6.53 2.58 3.28
N ASN A 10 -6.15 3.79 2.83
CA ASN A 10 -5.64 4.06 1.48
C ASN A 10 -4.17 3.67 1.33
N TRP A 11 -3.37 3.69 2.42
CA TRP A 11 -1.97 3.23 2.38
C TRP A 11 -1.87 1.75 1.96
N LEU A 12 -2.87 0.93 2.31
CA LEU A 12 -2.97 -0.48 1.90
C LEU A 12 -2.91 -0.67 0.37
N TRP A 13 -3.35 0.33 -0.41
CA TRP A 13 -3.28 0.32 -1.88
C TRP A 13 -1.84 0.28 -2.39
N TYR A 14 -0.98 1.20 -1.93
CA TYR A 14 0.44 1.22 -2.28
C TYR A 14 1.17 -0.04 -1.80
N ILE A 15 0.78 -0.59 -0.64
CA ILE A 15 1.38 -1.83 -0.12
C ILE A 15 0.99 -3.03 -0.99
N LYS A 16 -0.30 -3.17 -1.35
CA LYS A 16 -0.76 -4.23 -2.28
C LYS A 16 -0.14 -4.06 -3.68
N LEU A 17 -0.11 -2.83 -4.20
CA LEU A 17 0.53 -2.49 -5.48
C LEU A 17 2.04 -2.78 -5.49
N PHE A 18 2.74 -2.69 -4.37
CA PHE A 18 4.17 -3.06 -4.30
C PHE A 18 4.41 -4.47 -4.85
N ILE A 19 3.54 -5.44 -4.57
CA ILE A 19 3.63 -6.80 -5.14
C ILE A 19 3.27 -6.82 -6.65
N MET A 20 2.37 -5.96 -7.10
CA MET A 20 1.96 -5.85 -8.51
C MET A 20 3.07 -5.28 -9.41
N ILE A 21 3.70 -4.17 -9.00
CA ILE A 21 4.79 -3.51 -9.75
C ILE A 21 6.05 -4.39 -9.85
N VAL A 22 6.43 -5.09 -8.78
CA VAL A 22 7.57 -6.03 -8.76
C VAL A 22 7.31 -7.32 -9.55
N GLY A 23 6.08 -7.83 -9.55
CA GLY A 23 5.68 -9.17 -9.99
C GLY A 23 6.61 -10.27 -9.47
N GLY A 24 7.60 -10.66 -10.27
CA GLY A 24 8.60 -11.68 -9.92
C GLY A 24 9.61 -11.25 -8.84
N LEU A 25 9.88 -9.96 -8.66
CA LEU A 25 10.84 -9.47 -7.65
C LEU A 25 10.27 -9.43 -6.22
N VAL A 26 9.00 -9.83 -6.00
CA VAL A 26 8.29 -9.82 -4.71
C VAL A 26 9.07 -10.45 -3.55
N LYS A 27 9.92 -11.45 -3.88
CA LYS A 27 10.74 -12.22 -2.94
C LYS A 27 11.82 -11.42 -2.19
N LYS A 28 12.17 -10.20 -2.65
CA LYS A 28 13.23 -9.33 -2.08
C LYS A 28 12.76 -7.90 -1.79
N LYS A 1 -9.74 16.38 6.10
CA LYS A 1 -9.65 15.05 6.79
C LYS A 1 -8.27 14.81 7.47
N LYS A 2 -7.50 15.85 7.83
CA LYS A 2 -6.12 15.72 8.37
C LYS A 2 -6.04 14.88 9.66
N LYS A 3 -7.00 15.04 10.57
CA LYS A 3 -7.13 14.23 11.81
C LYS A 3 -7.41 12.74 11.54
N ASN A 4 -8.29 12.46 10.56
CA ASN A 4 -8.75 11.11 10.20
C ASN A 4 -7.84 10.39 9.17
N TRP A 5 -6.74 11.02 8.73
CA TRP A 5 -5.83 10.52 7.69
C TRP A 5 -5.13 9.18 8.02
N PHE A 6 -5.22 8.74 9.28
CA PHE A 6 -4.72 7.45 9.78
C PHE A 6 -5.53 6.23 9.31
N ASP A 7 -6.58 6.41 8.49
CA ASP A 7 -7.48 5.37 7.97
C ASP A 7 -6.75 4.21 7.25
N ILE A 8 -6.51 3.12 7.97
CA ILE A 8 -5.75 1.95 7.48
C ILE A 8 -6.38 1.28 6.25
N THR A 9 -7.68 1.50 6.00
CA THR A 9 -8.38 1.01 4.80
C THR A 9 -7.76 1.56 3.51
N ASN A 10 -7.22 2.79 3.54
CA ASN A 10 -6.50 3.41 2.42
C ASN A 10 -5.03 2.94 2.36
N TRP A 11 -4.41 2.61 3.49
CA TRP A 11 -3.05 2.07 3.54
C TRP A 11 -2.91 0.74 2.78
N LEU A 12 -3.98 -0.06 2.72
CA LEU A 12 -4.04 -1.31 1.95
C LEU A 12 -3.68 -1.12 0.47
N TRP A 13 -3.94 0.07 -0.10
CA TRP A 13 -3.61 0.41 -1.49
C TRP A 13 -2.11 0.39 -1.75
N TYR A 14 -1.31 1.09 -0.93
CA TYR A 14 0.15 1.09 -1.03
C TYR A 14 0.75 -0.31 -0.81
N ILE A 15 0.15 -1.11 0.09
CA ILE A 15 0.59 -2.49 0.33
C ILE A 15 0.31 -3.38 -0.89
N LYS A 16 -0.91 -3.32 -1.46
CA LYS A 16 -1.24 -4.05 -2.70
C LYS A 16 -0.39 -3.58 -3.88
N LEU A 17 -0.22 -2.28 -4.06
CA LEU A 17 0.63 -1.67 -5.09
C LEU A 17 2.10 -2.05 -4.94
N PHE A 18 2.61 -2.31 -3.74
CA PHE A 18 4.00 -2.77 -3.54
C PHE A 18 4.29 -4.01 -4.41
N ILE A 19 3.38 -4.99 -4.47
CA ILE A 19 3.50 -6.17 -5.35
C ILE A 19 3.45 -5.78 -6.84
N MET A 20 2.65 -4.78 -7.20
CA MET A 20 2.51 -4.29 -8.58
C MET A 20 3.78 -3.60 -9.09
N ILE A 21 4.39 -2.70 -8.30
CA ILE A 21 5.62 -1.98 -8.66
C ILE A 21 6.86 -2.90 -8.71
N VAL A 22 6.98 -3.88 -7.79
CA VAL A 22 8.08 -4.88 -7.82
C VAL A 22 7.94 -5.89 -8.95
N GLY A 23 6.71 -6.29 -9.31
CA GLY A 23 6.37 -7.42 -10.18
C GLY A 23 7.15 -8.70 -9.83
N GLY A 24 8.27 -8.94 -10.52
CA GLY A 24 9.14 -10.10 -10.30
C GLY A 24 9.91 -10.08 -8.97
N LEU A 25 10.20 -8.91 -8.39
CA LEU A 25 10.96 -8.81 -7.11
C LEU A 25 10.11 -9.11 -5.86
N VAL A 26 8.82 -9.47 -6.01
CA VAL A 26 7.88 -9.75 -4.91
C VAL A 26 8.39 -10.81 -3.91
N LYS A 27 9.12 -11.82 -4.40
CA LYS A 27 9.75 -12.90 -3.63
C LYS A 27 10.99 -12.46 -2.82
N LYS A 28 11.45 -11.22 -3.00
CA LYS A 28 12.66 -10.58 -2.42
C LYS A 28 13.91 -11.47 -2.50
N LYS A 1 -8.98 16.56 13.40
CA LYS A 1 -9.17 16.63 11.92
C LYS A 1 -8.23 15.69 11.16
N LYS A 2 -6.89 15.83 11.30
CA LYS A 2 -5.82 15.02 10.65
C LYS A 2 -6.05 13.51 10.62
N LYS A 3 -6.68 12.94 11.65
CA LYS A 3 -7.08 11.51 11.74
C LYS A 3 -7.89 10.99 10.54
N ASN A 4 -8.62 11.85 9.82
CA ASN A 4 -9.35 11.48 8.60
C ASN A 4 -8.38 11.12 7.44
N TRP A 5 -7.23 11.79 7.33
CA TRP A 5 -6.18 11.48 6.35
C TRP A 5 -5.34 10.25 6.75
N PHE A 6 -5.50 9.75 7.97
CA PHE A 6 -4.87 8.54 8.51
C PHE A 6 -5.68 7.25 8.25
N ASP A 7 -6.69 7.28 7.38
CA ASP A 7 -7.53 6.14 6.98
C ASP A 7 -6.71 4.98 6.36
N ILE A 8 -6.32 4.01 7.20
CA ILE A 8 -5.51 2.83 6.82
C ILE A 8 -6.16 1.98 5.71
N THR A 9 -7.49 2.07 5.54
CA THR A 9 -8.24 1.41 4.45
C THR A 9 -7.70 1.79 3.06
N ASN A 10 -7.26 3.05 2.88
CA ASN A 10 -6.63 3.51 1.64
C ASN A 10 -5.13 3.12 1.57
N TRP A 11 -4.44 3.03 2.71
CA TRP A 11 -3.05 2.58 2.78
C TRP A 11 -2.87 1.16 2.21
N LEU A 12 -3.88 0.28 2.34
CA LEU A 12 -3.88 -1.08 1.77
C LEU A 12 -3.60 -1.08 0.26
N TRP A 13 -4.01 -0.04 -0.47
CA TRP A 13 -3.80 0.09 -1.91
C TRP A 13 -2.30 0.12 -2.27
N TYR A 14 -1.52 0.99 -1.62
CA TYR A 14 -0.07 1.06 -1.82
C TYR A 14 0.63 -0.23 -1.41
N ILE A 15 0.14 -0.92 -0.38
CA ILE A 15 0.69 -2.22 0.05
C ILE A 15 0.42 -3.30 -1.00
N LYS A 16 -0.82 -3.44 -1.49
CA LYS A 16 -1.16 -4.37 -2.57
C LYS A 16 -0.42 -4.04 -3.87
N LEU A 17 -0.33 -2.76 -4.23
CA LEU A 17 0.43 -2.28 -5.39
C LEU A 17 1.94 -2.53 -5.26
N PHE A 18 2.53 -2.56 -4.06
CA PHE A 18 3.95 -2.91 -3.88
C PHE A 18 4.28 -4.25 -4.54
N ILE A 19 3.40 -5.25 -4.49
CA ILE A 19 3.58 -6.55 -5.17
C ILE A 19 3.40 -6.42 -6.70
N MET A 20 2.52 -5.52 -7.16
CA MET A 20 2.24 -5.27 -8.58
C MET A 20 3.42 -4.59 -9.29
N ILE A 21 3.98 -3.51 -8.72
CA ILE A 21 5.12 -2.76 -9.26
C ILE A 21 6.40 -3.61 -9.34
N VAL A 22 6.70 -4.40 -8.31
CA VAL A 22 7.86 -5.32 -8.28
C VAL A 22 7.72 -6.52 -9.22
N GLY A 23 6.51 -7.04 -9.40
CA GLY A 23 6.19 -8.33 -10.02
C GLY A 23 7.08 -9.48 -9.50
N GLY A 24 8.18 -9.76 -10.20
CA GLY A 24 9.15 -10.80 -9.83
C GLY A 24 10.03 -10.47 -8.60
N LEU A 25 10.26 -9.19 -8.30
CA LEU A 25 11.11 -8.78 -7.15
C LEU A 25 10.39 -8.89 -5.79
N VAL A 26 9.11 -9.31 -5.77
CA VAL A 26 8.27 -9.49 -4.57
C VAL A 26 8.94 -10.30 -3.46
N LYS A 27 9.80 -11.25 -3.84
CA LYS A 27 10.52 -12.17 -2.95
C LYS A 27 11.51 -11.48 -1.98
N LYS A 28 11.90 -10.23 -2.27
CA LYS A 28 12.79 -9.35 -1.46
C LYS A 28 13.97 -10.11 -0.79
N LYS A 1 -11.74 15.71 8.03
CA LYS A 1 -11.29 15.91 9.44
C LYS A 1 -9.90 15.31 9.67
N LYS A 2 -9.02 16.01 10.40
CA LYS A 2 -7.62 15.60 10.66
C LYS A 2 -7.49 14.24 11.35
N LYS A 3 -8.48 13.86 12.18
CA LYS A 3 -8.58 12.54 12.86
C LYS A 3 -8.65 11.35 11.88
N ASN A 4 -9.06 11.58 10.63
CA ASN A 4 -9.14 10.59 9.56
C ASN A 4 -7.92 10.63 8.60
N TRP A 5 -6.94 11.53 8.81
CA TRP A 5 -5.75 11.69 7.96
C TRP A 5 -4.81 10.47 7.96
N PHE A 6 -4.83 9.68 9.05
CA PHE A 6 -4.07 8.44 9.23
C PHE A 6 -4.85 7.17 8.81
N ASP A 7 -5.84 7.31 7.92
CA ASP A 7 -6.69 6.25 7.37
C ASP A 7 -5.94 5.10 6.68
N ILE A 8 -5.57 4.07 7.45
CA ILE A 8 -4.87 2.85 6.98
C ILE A 8 -5.59 2.12 5.84
N THR A 9 -6.90 2.33 5.65
CA THR A 9 -7.70 1.78 4.54
C THR A 9 -7.16 2.23 3.18
N ASN A 10 -6.56 3.42 3.11
CA ASN A 10 -5.93 3.96 1.90
C ASN A 10 -4.46 3.50 1.78
N TRP A 11 -3.79 3.22 2.90
CA TRP A 11 -2.43 2.67 2.90
C TRP A 11 -2.37 1.28 2.26
N LEU A 12 -3.46 0.50 2.32
CA LEU A 12 -3.60 -0.80 1.67
C LEU A 12 -3.31 -0.76 0.16
N TRP A 13 -3.56 0.40 -0.49
CA TRP A 13 -3.28 0.61 -1.91
C TRP A 13 -1.79 0.52 -2.23
N TYR A 14 -0.95 1.28 -1.52
CA TYR A 14 0.52 1.23 -1.67
C TYR A 14 1.08 -0.15 -1.32
N ILE A 15 0.51 -0.82 -0.33
CA ILE A 15 0.93 -2.18 0.06
C ILE A 15 0.60 -3.19 -1.03
N LYS A 16 -0.63 -3.17 -1.58
CA LYS A 16 -1.02 -4.03 -2.71
C LYS A 16 -0.19 -3.71 -3.96
N LEU A 17 -0.01 -2.41 -4.27
CA LEU A 17 0.80 -1.94 -5.38
C LEU A 17 2.29 -2.34 -5.26
N PHE A 18 2.83 -2.49 -4.06
CA PHE A 18 4.21 -2.98 -3.88
C PHE A 18 4.43 -4.30 -4.62
N ILE A 19 3.49 -5.26 -4.56
CA ILE A 19 3.55 -6.52 -5.32
C ILE A 19 3.40 -6.28 -6.84
N MET A 20 2.60 -5.30 -7.26
CA MET A 20 2.36 -4.96 -8.66
C MET A 20 3.60 -4.34 -9.33
N ILE A 21 4.28 -3.39 -8.67
CA ILE A 21 5.50 -2.73 -9.20
C ILE A 21 6.71 -3.66 -9.24
N VAL A 22 6.89 -4.55 -8.25
CA VAL A 22 7.96 -5.58 -8.24
C VAL A 22 7.72 -6.70 -9.27
N GLY A 23 6.47 -7.10 -9.47
CA GLY A 23 6.05 -8.32 -10.18
C GLY A 23 6.83 -9.57 -9.74
N GLY A 24 7.88 -9.91 -10.47
CA GLY A 24 8.77 -11.05 -10.18
C GLY A 24 9.64 -10.88 -8.92
N LEU A 25 9.97 -9.66 -8.50
CA LEU A 25 10.79 -9.40 -7.30
C LEU A 25 10.01 -9.50 -5.97
N VAL A 26 8.72 -9.90 -5.99
CA VAL A 26 7.86 -10.02 -4.79
C VAL A 26 8.46 -10.91 -3.68
N LYS A 27 9.26 -11.91 -4.08
CA LYS A 27 9.90 -12.90 -3.20
C LYS A 27 11.07 -12.36 -2.35
N LYS A 28 11.74 -11.27 -2.77
CA LYS A 28 12.99 -10.75 -2.18
C LYS A 28 12.80 -9.45 -1.37
N LYS A 1 -10.48 14.94 6.65
CA LYS A 1 -10.83 14.90 8.09
C LYS A 1 -9.55 14.69 8.93
N LYS A 2 -9.23 15.57 9.90
CA LYS A 2 -8.01 15.48 10.73
C LYS A 2 -7.93 14.22 11.60
N LYS A 3 -9.02 13.84 12.28
CA LYS A 3 -9.09 12.60 13.08
C LYS A 3 -8.84 11.33 12.25
N ASN A 4 -9.32 11.31 11.01
CA ASN A 4 -9.19 10.23 10.06
C ASN A 4 -7.99 10.43 9.09
N TRP A 5 -7.08 11.37 9.35
CA TRP A 5 -5.89 11.62 8.52
C TRP A 5 -4.91 10.42 8.46
N PHE A 6 -4.86 9.65 9.55
CA PHE A 6 -4.03 8.43 9.69
C PHE A 6 -4.72 7.15 9.17
N ASP A 7 -5.81 7.27 8.39
CA ASP A 7 -6.59 6.14 7.86
C ASP A 7 -5.74 5.16 7.02
N ILE A 8 -5.41 4.01 7.60
CA ILE A 8 -4.65 2.95 6.90
C ILE A 8 -5.41 2.34 5.71
N THR A 9 -6.70 2.62 5.53
CA THR A 9 -7.52 2.19 4.39
C THR A 9 -6.92 2.59 3.04
N ASN A 10 -6.46 3.84 2.88
CA ASN A 10 -5.76 4.26 1.65
C ASN A 10 -4.32 3.74 1.59
N TRP A 11 -3.66 3.51 2.73
CA TRP A 11 -2.33 2.91 2.76
C TRP A 11 -2.30 1.50 2.14
N LEU A 12 -3.39 0.74 2.23
CA LEU A 12 -3.54 -0.58 1.60
C LEU A 12 -3.26 -0.53 0.09
N TRP A 13 -3.52 0.60 -0.58
CA TRP A 13 -3.25 0.77 -2.01
C TRP A 13 -1.76 0.63 -2.33
N TYR A 14 -0.90 1.40 -1.67
CA TYR A 14 0.56 1.32 -1.82
C TYR A 14 1.10 -0.07 -1.44
N ILE A 15 0.50 -0.72 -0.43
CA ILE A 15 0.90 -2.07 -0.01
C ILE A 15 0.54 -3.10 -1.08
N LYS A 16 -0.69 -3.09 -1.62
CA LYS A 16 -1.09 -3.97 -2.74
C LYS A 16 -0.25 -3.68 -3.99
N LEU A 17 -0.04 -2.40 -4.32
CA LEU A 17 0.78 -1.97 -5.45
C LEU A 17 2.25 -2.38 -5.31
N PHE A 18 2.81 -2.48 -4.11
CA PHE A 18 4.18 -2.99 -3.89
C PHE A 18 4.40 -4.34 -4.59
N ILE A 19 3.42 -5.25 -4.58
CA ILE A 19 3.50 -6.54 -5.29
C ILE A 19 3.36 -6.36 -6.83
N MET A 20 2.62 -5.36 -7.29
CA MET A 20 2.41 -5.06 -8.72
C MET A 20 3.67 -4.46 -9.37
N ILE A 21 4.30 -3.46 -8.74
CA ILE A 21 5.53 -2.81 -9.24
C ILE A 21 6.73 -3.78 -9.30
N VAL A 22 6.90 -4.63 -8.29
CA VAL A 22 7.96 -5.67 -8.25
C VAL A 22 7.71 -6.82 -9.24
N GLY A 23 6.45 -7.22 -9.44
CA GLY A 23 6.03 -8.44 -10.14
C GLY A 23 6.76 -9.69 -9.67
N GLY A 24 7.85 -10.06 -10.36
CA GLY A 24 8.71 -11.20 -10.02
C GLY A 24 9.57 -11.00 -8.77
N LEU A 25 9.92 -9.76 -8.40
CA LEU A 25 10.74 -9.48 -7.20
C LEU A 25 9.94 -9.54 -5.88
N VAL A 26 8.64 -9.89 -5.91
CA VAL A 26 7.76 -9.99 -4.73
C VAL A 26 8.34 -10.82 -3.58
N LYS A 27 9.08 -11.88 -3.91
CA LYS A 27 9.75 -12.76 -2.95
C LYS A 27 10.91 -12.10 -2.17
N LYS A 28 11.59 -11.10 -2.72
CA LYS A 28 12.83 -10.52 -2.14
C LYS A 28 12.99 -9.01 -2.36
N LYS A 1 -8.87 15.85 5.87
CA LYS A 1 -7.43 15.54 5.64
C LYS A 1 -6.87 14.70 6.80
N LYS A 2 -6.34 15.32 7.88
CA LYS A 2 -5.70 14.65 9.03
C LYS A 2 -6.59 13.66 9.78
N LYS A 3 -7.90 13.91 9.86
CA LYS A 3 -8.89 13.03 10.52
C LYS A 3 -8.94 11.62 9.92
N ASN A 4 -8.65 11.48 8.62
CA ASN A 4 -8.59 10.22 7.86
C ASN A 4 -7.15 9.70 7.65
N TRP A 5 -6.13 10.27 8.32
CA TRP A 5 -4.73 9.84 8.19
C TRP A 5 -4.46 8.47 8.83
N PHE A 6 -4.96 8.26 10.06
CA PHE A 6 -4.84 7.01 10.82
C PHE A 6 -5.71 5.86 10.27
N ASP A 7 -6.63 6.13 9.35
CA ASP A 7 -7.46 5.13 8.67
C ASP A 7 -6.59 4.25 7.74
N ILE A 8 -6.09 3.13 8.29
CA ILE A 8 -5.26 2.15 7.57
C ILE A 8 -5.94 1.55 6.32
N THR A 9 -7.25 1.76 6.15
CA THR A 9 -8.05 1.38 4.98
C THR A 9 -7.46 1.93 3.67
N ASN A 10 -7.02 3.19 3.65
CA ASN A 10 -6.35 3.78 2.49
C ASN A 10 -4.89 3.31 2.37
N TRP A 11 -4.22 3.03 3.50
CA TRP A 11 -2.86 2.48 3.51
C TRP A 11 -2.76 1.12 2.78
N LEU A 12 -3.83 0.32 2.79
CA LEU A 12 -3.90 -0.96 2.06
C LEU A 12 -3.59 -0.80 0.57
N TRP A 13 -3.91 0.35 -0.03
CA TRP A 13 -3.63 0.64 -1.45
C TRP A 13 -2.14 0.59 -1.78
N TYR A 14 -1.32 1.32 -1.02
CA TYR A 14 0.14 1.32 -1.17
C TYR A 14 0.74 -0.07 -0.90
N ILE A 15 0.16 -0.83 0.04
CA ILE A 15 0.62 -2.19 0.36
C ILE A 15 0.30 -3.15 -0.80
N LYS A 16 -0.92 -3.12 -1.34
CA LYS A 16 -1.30 -3.91 -2.52
C LYS A 16 -0.48 -3.51 -3.75
N LEU A 17 -0.31 -2.20 -3.98
CA LEU A 17 0.52 -1.64 -5.05
C LEU A 17 2.00 -2.03 -4.93
N PHE A 18 2.56 -2.22 -3.72
CA PHE A 18 3.93 -2.69 -3.54
C PHE A 18 4.21 -3.98 -4.34
N ILE A 19 3.26 -4.92 -4.41
CA ILE A 19 3.38 -6.13 -5.24
C ILE A 19 3.27 -5.82 -6.76
N MET A 20 2.47 -4.82 -7.13
CA MET A 20 2.25 -4.41 -8.53
C MET A 20 3.49 -3.71 -9.13
N ILE A 21 4.10 -2.77 -8.40
CA ILE A 21 5.31 -2.04 -8.82
C ILE A 21 6.54 -2.97 -8.95
N VAL A 22 6.74 -3.90 -8.02
CA VAL A 22 7.83 -4.89 -8.05
C VAL A 22 7.64 -5.96 -9.13
N GLY A 23 6.40 -6.37 -9.39
CA GLY A 23 6.03 -7.55 -10.19
C GLY A 23 6.79 -8.82 -9.80
N GLY A 24 7.91 -9.09 -10.48
CA GLY A 24 8.78 -10.24 -10.23
C GLY A 24 9.64 -10.13 -8.95
N LEU A 25 9.95 -8.92 -8.46
CA LEU A 25 10.79 -8.73 -7.26
C LEU A 25 10.03 -8.97 -5.93
N VAL A 26 8.73 -9.31 -5.98
CA VAL A 26 7.83 -9.53 -4.83
C VAL A 26 8.38 -10.46 -3.74
N LYS A 27 9.19 -11.44 -4.15
CA LYS A 27 9.88 -12.41 -3.27
C LYS A 27 10.87 -11.80 -2.28
N LYS A 28 11.38 -10.59 -2.54
CA LYS A 28 12.46 -9.91 -1.79
C LYS A 28 11.95 -8.80 -0.87
N LYS A 1 -10.63 16.40 7.91
CA LYS A 1 -10.01 16.56 9.26
C LYS A 1 -8.83 15.58 9.42
N LYS A 2 -7.76 15.97 10.13
CA LYS A 2 -6.57 15.14 10.45
C LYS A 2 -6.90 13.78 11.09
N LYS A 3 -8.03 13.66 11.79
CA LYS A 3 -8.53 12.39 12.37
C LYS A 3 -8.63 11.26 11.32
N ASN A 4 -9.01 11.60 10.08
CA ASN A 4 -9.14 10.69 8.95
C ASN A 4 -7.89 10.65 8.03
N TRP A 5 -6.83 11.41 8.34
CA TRP A 5 -5.57 11.42 7.56
C TRP A 5 -4.78 10.11 7.67
N PHE A 6 -4.78 9.49 8.86
CA PHE A 6 -4.13 8.22 9.16
C PHE A 6 -4.97 6.97 8.80
N ASP A 7 -6.02 7.14 7.98
CA ASP A 7 -6.95 6.09 7.53
C ASP A 7 -6.24 4.92 6.81
N ILE A 8 -5.94 3.86 7.56
CA ILE A 8 -5.24 2.65 7.08
C ILE A 8 -5.95 1.95 5.91
N THR A 9 -7.26 2.18 5.72
CA THR A 9 -8.04 1.66 4.59
C THR A 9 -7.45 2.06 3.23
N ASN A 10 -6.86 3.27 3.14
CA ASN A 10 -6.16 3.74 1.94
C ASN A 10 -4.70 3.24 1.89
N TRP A 11 -4.04 3.05 3.04
CA TRP A 11 -2.69 2.48 3.11
C TRP A 11 -2.61 1.08 2.47
N LEU A 12 -3.70 0.29 2.52
CA LEU A 12 -3.81 -1.02 1.87
C LEU A 12 -3.49 -0.95 0.36
N TRP A 13 -3.76 0.19 -0.29
CA TRP A 13 -3.49 0.39 -1.73
C TRP A 13 -2.00 0.32 -2.03
N TYR A 14 -1.17 1.09 -1.32
CA TYR A 14 0.29 1.05 -1.48
C TYR A 14 0.87 -0.33 -1.13
N ILE A 15 0.30 -1.02 -0.14
CA ILE A 15 0.73 -2.38 0.22
C ILE A 15 0.40 -3.38 -0.89
N LYS A 16 -0.82 -3.36 -1.44
CA LYS A 16 -1.23 -4.21 -2.57
C LYS A 16 -0.43 -3.89 -3.84
N LEU A 17 -0.23 -2.60 -4.13
CA LEU A 17 0.57 -2.10 -5.25
C LEU A 17 2.06 -2.45 -5.12
N PHE A 18 2.61 -2.60 -3.91
CA PHE A 18 4.00 -3.04 -3.71
C PHE A 18 4.30 -4.33 -4.50
N ILE A 19 3.38 -5.30 -4.54
CA ILE A 19 3.51 -6.53 -5.35
C ILE A 19 3.41 -6.24 -6.87
N MET A 20 2.63 -5.24 -7.28
CA MET A 20 2.45 -4.86 -8.69
C MET A 20 3.69 -4.15 -9.27
N ILE A 21 4.27 -3.20 -8.55
CA ILE A 21 5.50 -2.47 -8.97
C ILE A 21 6.72 -3.40 -9.05
N VAL A 22 6.91 -4.31 -8.08
CA VAL A 22 8.00 -5.31 -8.08
C VAL A 22 7.83 -6.39 -9.16
N GLY A 23 6.59 -6.82 -9.42
CA GLY A 23 6.23 -8.00 -10.21
C GLY A 23 7.01 -9.26 -9.79
N GLY A 24 8.13 -9.54 -10.47
CA GLY A 24 9.02 -10.66 -10.17
C GLY A 24 9.85 -10.51 -8.89
N LEU A 25 10.14 -9.28 -8.43
CA LEU A 25 10.93 -9.04 -7.20
C LEU A 25 10.12 -9.24 -5.90
N VAL A 26 8.84 -9.61 -5.97
CA VAL A 26 7.93 -9.82 -4.82
C VAL A 26 8.50 -10.73 -3.73
N LYS A 27 9.29 -11.73 -4.14
CA LYS A 27 9.91 -12.73 -3.25
C LYS A 27 11.09 -12.19 -2.41
N LYS A 28 11.62 -11.00 -2.73
CA LYS A 28 12.79 -10.36 -2.08
C LYS A 28 12.54 -8.88 -1.73
N LYS A 1 -8.30 17.89 7.59
CA LYS A 1 -8.97 16.61 8.01
C LYS A 1 -8.01 15.58 8.65
N LYS A 2 -7.20 15.97 9.65
CA LYS A 2 -6.20 15.10 10.33
C LYS A 2 -6.81 13.84 10.96
N LYS A 3 -8.05 13.93 11.44
CA LYS A 3 -8.88 12.83 12.00
C LYS A 3 -9.05 11.64 11.04
N ASN A 4 -8.98 11.89 9.73
CA ASN A 4 -9.12 10.90 8.65
C ASN A 4 -7.81 10.66 7.88
N TRP A 5 -6.67 11.23 8.32
CA TRP A 5 -5.36 11.05 7.68
C TRP A 5 -4.66 9.72 8.05
N PHE A 6 -5.05 9.11 9.18
CA PHE A 6 -4.59 7.79 9.66
C PHE A 6 -5.49 6.63 9.17
N ASP A 7 -6.25 6.85 8.10
CA ASP A 7 -7.19 5.91 7.47
C ASP A 7 -6.52 4.68 6.83
N ILE A 8 -6.18 3.68 7.66
CA ILE A 8 -5.48 2.44 7.24
C ILE A 8 -6.18 1.70 6.09
N THR A 9 -7.48 1.89 5.90
CA THR A 9 -8.27 1.35 4.78
C THR A 9 -7.69 1.76 3.41
N ASN A 10 -7.18 2.99 3.29
CA ASN A 10 -6.49 3.47 2.09
C ASN A 10 -5.01 3.04 2.04
N TRP A 11 -4.35 2.84 3.20
CA TRP A 11 -2.98 2.34 3.24
C TRP A 11 -2.84 0.94 2.59
N LEU A 12 -3.90 0.12 2.65
CA LEU A 12 -3.98 -1.19 1.99
C LEU A 12 -3.67 -1.11 0.49
N TRP A 13 -3.99 0.01 -0.17
CA TRP A 13 -3.74 0.23 -1.60
C TRP A 13 -2.24 0.20 -1.93
N TYR A 14 -1.44 0.98 -1.22
CA TYR A 14 0.02 0.99 -1.38
C TYR A 14 0.64 -0.37 -1.04
N ILE A 15 0.09 -1.09 -0.05
CA ILE A 15 0.55 -2.45 0.29
C ILE A 15 0.24 -3.45 -0.82
N LYS A 16 -0.96 -3.42 -1.40
CA LYS A 16 -1.30 -4.27 -2.56
C LYS A 16 -0.45 -3.91 -3.78
N LEU A 17 -0.35 -2.62 -4.10
CA LEU A 17 0.45 -2.07 -5.20
C LEU A 17 1.95 -2.39 -5.06
N PHE A 18 2.49 -2.53 -3.85
CA PHE A 18 3.88 -2.94 -3.64
C PHE A 18 4.22 -4.22 -4.42
N ILE A 19 3.32 -5.21 -4.51
CA ILE A 19 3.52 -6.42 -5.31
C ILE A 19 3.41 -6.14 -6.83
N MET A 20 2.60 -5.15 -7.24
CA MET A 20 2.41 -4.77 -8.64
C MET A 20 3.63 -4.03 -9.22
N ILE A 21 4.18 -3.05 -8.49
CA ILE A 21 5.38 -2.28 -8.90
C ILE A 21 6.64 -3.15 -8.98
N VAL A 22 6.83 -4.08 -8.04
CA VAL A 22 7.96 -5.04 -8.05
C VAL A 22 7.82 -6.12 -9.12
N GLY A 23 6.59 -6.59 -9.39
CA GLY A 23 6.26 -7.79 -10.15
C GLY A 23 7.10 -9.01 -9.74
N GLY A 24 8.20 -9.26 -10.44
CA GLY A 24 9.13 -10.36 -10.17
C GLY A 24 9.96 -10.20 -8.88
N LEU A 25 10.23 -8.98 -8.41
CA LEU A 25 11.03 -8.73 -7.19
C LEU A 25 10.25 -8.98 -5.88
N VAL A 26 8.96 -9.37 -5.94
CA VAL A 26 8.07 -9.61 -4.79
C VAL A 26 8.67 -10.52 -3.72
N LYS A 27 9.44 -11.53 -4.13
CA LYS A 27 10.10 -12.51 -3.25
C LYS A 27 11.28 -11.94 -2.45
N LYS A 28 11.89 -10.83 -2.91
CA LYS A 28 13.23 -10.33 -2.55
C LYS A 28 14.25 -11.46 -2.29
N LYS A 1 -7.95 15.55 3.45
CA LYS A 1 -8.36 14.35 4.25
C LYS A 1 -7.36 13.92 5.35
N LYS A 2 -6.34 14.73 5.72
CA LYS A 2 -5.24 14.38 6.65
C LYS A 2 -5.67 13.83 8.03
N LYS A 3 -6.85 14.21 8.54
CA LYS A 3 -7.39 13.70 9.83
C LYS A 3 -7.80 12.22 9.81
N ASN A 4 -8.03 11.66 8.62
CA ASN A 4 -8.37 10.25 8.41
C ASN A 4 -7.14 9.41 7.99
N TRP A 5 -5.91 9.95 8.05
CA TRP A 5 -4.70 9.22 7.67
C TRP A 5 -4.39 8.00 8.56
N PHE A 6 -4.94 7.96 9.79
CA PHE A 6 -4.82 6.83 10.72
C PHE A 6 -5.73 5.64 10.35
N ASP A 7 -6.73 5.81 9.47
CA ASP A 7 -7.58 4.72 9.00
C ASP A 7 -6.76 3.72 8.15
N ILE A 8 -6.45 2.55 8.74
CA ILE A 8 -5.65 1.49 8.10
C ILE A 8 -6.25 1.00 6.76
N THR A 9 -7.53 1.26 6.48
CA THR A 9 -8.20 0.95 5.21
C THR A 9 -7.53 1.64 4.02
N ASN A 10 -7.05 2.88 4.19
CA ASN A 10 -6.29 3.61 3.17
C ASN A 10 -4.86 3.07 3.05
N TRP A 11 -4.26 2.58 4.15
CA TRP A 11 -2.94 1.96 4.15
C TRP A 11 -2.87 0.69 3.28
N LEU A 12 -3.98 -0.06 3.16
CA LEU A 12 -4.09 -1.23 2.29
C LEU A 12 -3.72 -0.92 0.83
N TRP A 13 -3.91 0.33 0.38
CA TRP A 13 -3.56 0.77 -0.97
C TRP A 13 -2.06 0.69 -1.23
N TYR A 14 -1.23 1.29 -0.36
CA TYR A 14 0.23 1.23 -0.46
C TYR A 14 0.75 -0.20 -0.33
N ILE A 15 0.13 -1.02 0.52
CA ILE A 15 0.52 -2.41 0.71
C ILE A 15 0.21 -3.24 -0.55
N LYS A 16 -0.98 -3.09 -1.13
CA LYS A 16 -1.37 -3.73 -2.40
C LYS A 16 -0.52 -3.23 -3.58
N LEU A 17 -0.27 -1.92 -3.65
CA LEU A 17 0.60 -1.30 -4.64
C LEU A 17 2.06 -1.74 -4.52
N PHE A 18 2.56 -2.08 -3.32
CA PHE A 18 3.92 -2.61 -3.16
C PHE A 18 4.18 -3.81 -4.09
N ILE A 19 3.20 -4.69 -4.30
CA ILE A 19 3.32 -5.82 -5.26
C ILE A 19 3.27 -5.33 -6.73
N MET A 20 2.52 -4.26 -7.01
CA MET A 20 2.36 -3.68 -8.35
C MET A 20 3.64 -2.96 -8.83
N ILE A 21 4.26 -2.14 -7.98
CA ILE A 21 5.52 -1.43 -8.28
C ILE A 21 6.71 -2.37 -8.48
N VAL A 22 6.83 -3.42 -7.64
CA VAL A 22 7.89 -4.44 -7.77
C VAL A 22 7.72 -5.38 -8.97
N GLY A 23 6.46 -5.71 -9.32
CA GLY A 23 6.09 -6.77 -10.26
C GLY A 23 6.79 -8.10 -9.98
N GLY A 24 7.92 -8.34 -10.66
CA GLY A 24 8.75 -9.54 -10.50
C GLY A 24 9.56 -9.61 -9.19
N LEU A 25 9.89 -8.47 -8.56
CA LEU A 25 10.69 -8.45 -7.32
C LEU A 25 9.87 -8.79 -6.05
N VAL A 26 8.56 -9.07 -6.19
CA VAL A 26 7.61 -9.41 -5.11
C VAL A 26 8.08 -10.51 -4.16
N LYS A 27 8.92 -11.43 -4.67
CA LYS A 27 9.48 -12.56 -3.92
C LYS A 27 10.38 -12.15 -2.74
N LYS A 28 11.00 -10.95 -2.78
CA LYS A 28 11.72 -10.34 -1.65
C LYS A 28 10.77 -9.79 -0.57
N LYS A 1 -8.47 17.81 7.85
CA LYS A 1 -9.06 16.43 7.92
C LYS A 1 -8.12 15.40 8.60
N LYS A 2 -7.31 15.79 9.61
CA LYS A 2 -6.32 14.90 10.28
C LYS A 2 -6.93 13.64 10.92
N LYS A 3 -8.18 13.68 11.38
CA LYS A 3 -8.93 12.53 11.92
C LYS A 3 -8.99 11.34 10.94
N ASN A 4 -9.17 11.65 9.65
CA ASN A 4 -9.30 10.69 8.55
C ASN A 4 -7.99 10.50 7.74
N TRP A 5 -6.95 11.28 8.01
CA TRP A 5 -5.64 11.18 7.35
C TRP A 5 -4.93 9.84 7.61
N PHE A 6 -5.06 9.30 8.82
CA PHE A 6 -4.46 8.04 9.27
C PHE A 6 -5.34 6.79 8.98
N ASP A 7 -6.38 6.89 8.14
CA ASP A 7 -7.25 5.78 7.74
C ASP A 7 -6.47 4.64 7.05
N ILE A 8 -6.13 3.59 7.82
CA ILE A 8 -5.38 2.40 7.38
C ILE A 8 -6.03 1.67 6.20
N THR A 9 -7.32 1.87 5.96
CA THR A 9 -8.08 1.32 4.81
C THR A 9 -7.48 1.80 3.48
N ASN A 10 -6.98 3.03 3.41
CA ASN A 10 -6.29 3.59 2.24
C ASN A 10 -4.82 3.13 2.17
N TRP A 11 -4.17 2.89 3.32
CA TRP A 11 -2.80 2.36 3.38
C TRP A 11 -2.68 0.99 2.68
N LEU A 12 -3.75 0.18 2.71
CA LEU A 12 -3.82 -1.11 2.01
C LEU A 12 -3.50 -0.99 0.51
N TRP A 13 -3.83 0.15 -0.12
CA TRP A 13 -3.56 0.40 -1.53
C TRP A 13 -2.07 0.36 -1.87
N TYR A 14 -1.25 1.12 -1.14
CA TYR A 14 0.22 1.11 -1.30
C TYR A 14 0.82 -0.26 -1.00
N ILE A 15 0.25 -1.00 -0.04
CA ILE A 15 0.71 -2.37 0.30
C ILE A 15 0.39 -3.34 -0.83
N LYS A 16 -0.84 -3.34 -1.39
CA LYS A 16 -1.19 -4.17 -2.54
C LYS A 16 -0.37 -3.77 -3.77
N LEU A 17 -0.22 -2.46 -4.03
CA LEU A 17 0.59 -1.91 -5.13
C LEU A 17 2.07 -2.27 -5.01
N PHE A 18 2.63 -2.42 -3.80
CA PHE A 18 4.01 -2.86 -3.61
C PHE A 18 4.31 -4.16 -4.39
N ILE A 19 3.38 -5.14 -4.42
CA ILE A 19 3.52 -6.37 -5.22
C ILE A 19 3.38 -6.09 -6.74
N MET A 20 2.57 -5.11 -7.13
CA MET A 20 2.35 -4.73 -8.54
C MET A 20 3.58 -4.04 -9.16
N ILE A 21 4.17 -3.06 -8.46
CA ILE A 21 5.37 -2.31 -8.93
C ILE A 21 6.61 -3.21 -9.04
N VAL A 22 6.82 -4.13 -8.09
CA VAL A 22 7.93 -5.10 -8.12
C VAL A 22 7.74 -6.20 -9.16
N GLY A 23 6.50 -6.65 -9.41
CA GLY A 23 6.13 -7.85 -10.16
C GLY A 23 6.92 -9.08 -9.75
N GLY A 24 8.03 -9.36 -10.45
CA GLY A 24 8.93 -10.49 -10.17
C GLY A 24 9.79 -10.33 -8.90
N LEU A 25 10.09 -9.09 -8.47
CA LEU A 25 10.92 -8.84 -7.27
C LEU A 25 10.15 -9.02 -5.94
N VAL A 26 8.85 -9.37 -5.98
CA VAL A 26 7.97 -9.58 -4.82
C VAL A 26 8.57 -10.50 -3.75
N LYS A 27 9.31 -11.52 -4.20
CA LYS A 27 9.93 -12.56 -3.39
C LYS A 27 11.15 -12.08 -2.58
N LYS A 28 11.68 -10.88 -2.88
CA LYS A 28 12.96 -10.30 -2.42
C LYS A 28 14.08 -11.35 -2.20
N LYS A 1 -10.78 16.63 9.42
CA LYS A 1 -9.81 16.26 8.35
C LYS A 1 -8.67 15.38 8.88
N LYS A 2 -7.76 15.92 9.72
CA LYS A 2 -6.55 15.26 10.26
C LYS A 2 -6.82 13.88 10.89
N LYS A 3 -7.94 13.73 11.61
CA LYS A 3 -8.45 12.48 12.21
C LYS A 3 -8.53 11.32 11.21
N ASN A 4 -8.97 11.60 9.98
CA ASN A 4 -9.16 10.64 8.89
C ASN A 4 -7.95 10.60 7.91
N TRP A 5 -6.86 11.32 8.20
CA TRP A 5 -5.65 11.35 7.37
C TRP A 5 -4.73 10.11 7.56
N PHE A 6 -4.88 9.41 8.69
CA PHE A 6 -4.19 8.16 9.05
C PHE A 6 -5.06 6.91 8.78
N ASP A 7 -6.05 7.02 7.90
CA ASP A 7 -6.98 5.97 7.49
C ASP A 7 -6.30 4.74 6.84
N ILE A 8 -5.99 3.72 7.65
CA ILE A 8 -5.29 2.50 7.21
C ILE A 8 -5.97 1.77 6.04
N THR A 9 -7.26 2.01 5.82
CA THR A 9 -8.06 1.49 4.69
C THR A 9 -7.48 1.96 3.35
N ASN A 10 -6.91 3.17 3.29
CA ASN A 10 -6.23 3.70 2.10
C ASN A 10 -4.77 3.20 2.02
N TRP A 11 -4.10 3.00 3.17
CA TRP A 11 -2.75 2.43 3.22
C TRP A 11 -2.65 1.05 2.54
N LEU A 12 -3.74 0.26 2.55
CA LEU A 12 -3.82 -1.04 1.86
C LEU A 12 -3.48 -0.93 0.36
N TRP A 13 -3.75 0.22 -0.27
CA TRP A 13 -3.45 0.47 -1.68
C TRP A 13 -1.95 0.42 -1.98
N TYR A 14 -1.13 1.16 -1.23
CA TYR A 14 0.33 1.13 -1.37
C TYR A 14 0.91 -0.25 -1.07
N ILE A 15 0.32 -0.98 -0.12
CA ILE A 15 0.74 -2.35 0.23
C ILE A 15 0.43 -3.31 -0.92
N LYS A 16 -0.79 -3.29 -1.47
CA LYS A 16 -1.16 -4.11 -2.65
C LYS A 16 -0.31 -3.73 -3.87
N LEU A 17 -0.12 -2.43 -4.13
CA LEU A 17 0.72 -1.91 -5.20
C LEU A 17 2.20 -2.30 -5.06
N PHE A 18 2.72 -2.49 -3.84
CA PHE A 18 4.10 -2.95 -3.64
C PHE A 18 4.35 -4.26 -4.41
N ILE A 19 3.39 -5.18 -4.48
CA ILE A 19 3.51 -6.42 -5.27
C ILE A 19 3.40 -6.15 -6.79
N MET A 20 2.63 -5.15 -7.20
CA MET A 20 2.44 -4.75 -8.61
C MET A 20 3.71 -4.10 -9.20
N ILE A 21 4.30 -3.13 -8.51
CA ILE A 21 5.52 -2.41 -8.93
C ILE A 21 6.74 -3.35 -9.04
N VAL A 22 6.92 -4.27 -8.08
CA VAL A 22 7.99 -5.28 -8.09
C VAL A 22 7.79 -6.37 -9.16
N GLY A 23 6.55 -6.78 -9.40
CA GLY A 23 6.16 -7.97 -10.17
C GLY A 23 6.93 -9.23 -9.76
N GLY A 24 8.03 -9.53 -10.44
CA GLY A 24 8.91 -10.67 -10.15
C GLY A 24 9.75 -10.53 -8.87
N LEU A 25 10.06 -9.30 -8.42
CA LEU A 25 10.86 -9.08 -7.20
C LEU A 25 10.03 -9.22 -5.90
N VAL A 26 8.77 -9.65 -5.98
CA VAL A 26 7.85 -9.83 -4.82
C VAL A 26 8.42 -10.73 -3.72
N LYS A 27 9.18 -11.76 -4.09
CA LYS A 27 9.82 -12.73 -3.18
C LYS A 27 10.85 -12.09 -2.23
N LYS A 28 11.70 -11.19 -2.73
CA LYS A 28 12.74 -10.47 -1.97
C LYS A 28 13.20 -9.16 -2.64
N LYS A 1 -10.39 16.43 9.97
CA LYS A 1 -9.35 16.07 10.97
C LYS A 1 -8.28 15.12 10.39
N LYS A 2 -7.10 15.07 11.03
CA LYS A 2 -5.96 14.17 10.72
C LYS A 2 -6.34 12.68 10.69
N LYS A 3 -7.36 12.26 11.46
CA LYS A 3 -7.91 10.88 11.46
C LYS A 3 -8.30 10.41 10.06
N ASN A 4 -8.88 11.28 9.23
CA ASN A 4 -9.25 11.00 7.84
C ASN A 4 -8.01 10.87 6.92
N TRP A 5 -6.95 11.63 7.18
CA TRP A 5 -5.66 11.53 6.46
C TRP A 5 -4.91 10.25 6.83
N PHE A 6 -4.99 9.83 8.09
CA PHE A 6 -4.36 8.62 8.65
C PHE A 6 -5.19 7.32 8.46
N ASP A 7 -6.27 7.35 7.67
CA ASP A 7 -7.12 6.18 7.39
C ASP A 7 -6.34 5.02 6.76
N ILE A 8 -5.99 4.02 7.58
CA ILE A 8 -5.24 2.81 7.17
C ILE A 8 -5.92 2.03 6.04
N THR A 9 -7.23 2.22 5.83
CA THR A 9 -8.02 1.65 4.73
C THR A 9 -7.48 2.05 3.36
N ASN A 10 -6.95 3.27 3.22
CA ASN A 10 -6.30 3.74 1.99
C ASN A 10 -4.81 3.29 1.92
N TRP A 11 -4.13 3.14 3.06
CA TRP A 11 -2.75 2.63 3.11
C TRP A 11 -2.62 1.24 2.49
N LEU A 12 -3.68 0.42 2.56
CA LEU A 12 -3.75 -0.91 1.93
C LEU A 12 -3.45 -0.85 0.42
N TRP A 13 -3.79 0.25 -0.26
CA TRP A 13 -3.54 0.45 -1.69
C TRP A 13 -2.06 0.40 -2.04
N TYR A 14 -1.23 1.20 -1.34
CA TYR A 14 0.22 1.20 -1.52
C TYR A 14 0.85 -0.16 -1.18
N ILE A 15 0.30 -0.86 -0.18
CA ILE A 15 0.77 -2.19 0.22
C ILE A 15 0.44 -3.23 -0.87
N LYS A 16 -0.79 -3.27 -1.38
CA LYS A 16 -1.18 -4.14 -2.51
C LYS A 16 -0.40 -3.80 -3.79
N LEU A 17 -0.24 -2.51 -4.09
CA LEU A 17 0.55 -2.02 -5.22
C LEU A 17 2.04 -2.35 -5.10
N PHE A 18 2.62 -2.45 -3.90
CA PHE A 18 4.01 -2.88 -3.72
C PHE A 18 4.29 -4.21 -4.44
N ILE A 19 3.36 -5.17 -4.41
CA ILE A 19 3.50 -6.44 -5.15
C ILE A 19 3.34 -6.25 -6.69
N MET A 20 2.53 -5.28 -7.12
CA MET A 20 2.31 -4.96 -8.54
C MET A 20 3.54 -4.31 -9.19
N ILE A 21 4.13 -3.28 -8.56
CA ILE A 21 5.32 -2.57 -9.05
C ILE A 21 6.56 -3.46 -9.14
N VAL A 22 6.78 -4.33 -8.14
CA VAL A 22 7.88 -5.32 -8.13
C VAL A 22 7.69 -6.46 -9.14
N GLY A 23 6.44 -6.91 -9.34
CA GLY A 23 6.07 -8.14 -10.06
C GLY A 23 6.86 -9.36 -9.61
N GLY A 24 7.97 -9.66 -10.30
CA GLY A 24 8.88 -10.77 -9.98
C GLY A 24 9.75 -10.56 -8.74
N LEU A 25 10.04 -9.31 -8.35
CA LEU A 25 10.88 -9.00 -7.16
C LEU A 25 10.12 -9.14 -5.83
N VAL A 26 8.83 -9.53 -5.84
CA VAL A 26 7.95 -9.69 -4.66
C VAL A 26 8.56 -10.53 -3.53
N LYS A 27 9.38 -11.52 -3.88
CA LYS A 27 10.10 -12.42 -2.97
C LYS A 27 11.15 -11.70 -2.10
N LYS A 28 11.58 -10.49 -2.48
CA LYS A 28 12.60 -9.65 -1.84
C LYS A 28 11.97 -8.38 -1.22
#